data_3KLJ
#
_entry.id   3KLJ
#
_cell.length_a   98.576
_cell.length_b   98.576
_cell.length_c   88.267
_cell.angle_alpha   90.00
_cell.angle_beta   90.00
_cell.angle_gamma   90.00
#
_symmetry.space_group_name_H-M   'P 43 2 2'
#
loop_
_entity.id
_entity.type
_entity.pdbx_description
1 polymer 'NAD(FAD)-dependent dehydrogenase, NirB-family (N-terminal domain)'
2 non-polymer 'FLAVIN-ADENINE DINUCLEOTIDE'
3 water water
#
_entity_poly.entity_id   1
_entity_poly.type   'polypeptide(L)'
_entity_poly.pdbx_seq_one_letter_code
;MHHHHHHKSTKILILGAGPAGFSAAKAALGKCDDITMINSEKYLPYYRPRLNEIIAKNKSIDDILIKKNDWYEKNNIKVI
TSEFATSIDPNNKLVTLKSGEKIKYEKLIIASGSIANKIKVPHADEIFSLYSYDDALKIKDECKNKGKAFIIGGGILGIE
LAQAIIDSGTPASIGIILEYPLERQLDRDGGLFLKDKLDRLGIKIYTNSNFEEMGDLIRSSCVITAVGVKPNLDFIKDTE
IASKRGILVNDHMETSIKDIYACGDVAEFYGKNPGLINIANKQGEVAGLNACGEDASYSEIIPSPILKVSGISIISCGDI
ENNKPSKVFRSTQEDKYIVCMLKENKIDAAAVIGDVSLGTKLKKAIDSSKSFDNISSLDAILNNL
;
_entity_poly.pdbx_strand_id   A
#
# COMPACT_ATOMS: atom_id res chain seq x y z
N LYS A 8 -22.16 24.70 -2.45
CA LYS A 8 -21.69 24.20 -1.11
C LYS A 8 -20.28 24.69 -0.77
N SER A 9 -20.07 24.98 0.51
CA SER A 9 -18.77 25.43 1.02
C SER A 9 -18.55 24.95 2.46
N THR A 10 -17.33 24.51 2.75
CA THR A 10 -16.97 24.00 4.08
C THR A 10 -15.63 24.57 4.54
N LYS A 11 -15.30 24.36 5.82
CA LYS A 11 -14.00 24.76 6.36
CA LYS A 11 -14.00 24.76 6.32
C LYS A 11 -12.93 23.79 5.85
N ILE A 12 -13.07 22.52 6.24
CA ILE A 12 -12.13 21.46 5.85
C ILE A 12 -12.75 20.54 4.81
N LEU A 13 -12.15 20.55 3.62
CA LEU A 13 -12.52 19.65 2.54
C LEU A 13 -11.50 18.53 2.47
N ILE A 14 -12.00 17.29 2.57
CA ILE A 14 -11.16 16.11 2.47
C ILE A 14 -11.45 15.38 1.16
N LEU A 15 -10.45 15.33 0.30
CA LEU A 15 -10.55 14.72 -1.02
C LEU A 15 -10.08 13.27 -0.97
N GLY A 16 -11.05 12.35 -0.89
CA GLY A 16 -10.81 10.93 -0.75
C GLY A 16 -11.18 10.44 0.64
N ALA A 17 -11.96 9.36 0.72
CA ALA A 17 -12.38 8.82 2.01
C ALA A 17 -11.89 7.38 2.21
N GLY A 18 -10.58 7.22 2.25
CA GLY A 18 -9.96 5.97 2.66
C GLY A 18 -9.42 6.18 4.07
N PRO A 19 -8.50 5.31 4.50
CA PRO A 19 -7.90 5.42 5.84
C PRO A 19 -7.22 6.77 6.10
N ALA A 20 -6.56 7.33 5.09
CA ALA A 20 -5.88 8.62 5.29
C ALA A 20 -6.88 9.75 5.49
N GLY A 21 -7.84 9.87 4.58
CA GLY A 21 -8.95 10.80 4.72
C GLY A 21 -9.69 10.65 6.05
N PHE A 22 -10.02 9.41 6.41
CA PHE A 22 -10.68 9.18 7.68
C PHE A 22 -9.87 9.73 8.86
N SER A 23 -8.59 9.40 8.91
CA SER A 23 -7.71 9.85 9.99
CA SER A 23 -7.71 9.85 9.99
C SER A 23 -7.66 11.38 10.08
N ALA A 24 -7.67 12.07 8.94
CA ALA A 24 -7.70 13.55 8.94
C ALA A 24 -9.01 14.07 9.54
N ALA A 25 -10.13 13.50 9.12
CA ALA A 25 -11.45 13.88 9.67
C ALA A 25 -11.46 13.72 11.18
N LYS A 26 -11.10 12.50 11.63
CA LYS A 26 -11.01 12.20 13.06
C LYS A 26 -10.11 13.19 13.81
N ALA A 27 -8.97 13.54 13.23
CA ALA A 27 -8.04 14.50 13.83
C ALA A 27 -8.64 15.91 13.89
N ALA A 28 -9.37 16.31 12.85
CA ALA A 28 -10.02 17.61 12.77
C ALA A 28 -11.18 17.78 13.76
N LEU A 29 -11.73 16.66 14.23
CA LEU A 29 -12.88 16.66 15.16
C LEU A 29 -12.64 17.42 16.45
N GLY A 30 -13.66 18.15 16.88
CA GLY A 30 -13.59 18.98 18.09
C GLY A 30 -12.84 20.28 17.85
N LYS A 31 -11.78 20.21 17.05
CA LYS A 31 -10.96 21.37 16.76
C LYS A 31 -11.59 22.25 15.68
N CYS A 32 -12.01 21.63 14.57
CA CYS A 32 -12.79 22.34 13.55
CA CYS A 32 -12.75 22.29 13.50
C CYS A 32 -14.20 21.79 13.51
N ASP A 33 -15.14 22.65 13.13
CA ASP A 33 -16.57 22.29 13.26
C ASP A 33 -17.34 22.14 11.94
N ASP A 34 -16.63 22.10 10.82
CA ASP A 34 -17.25 22.03 9.50
C ASP A 34 -16.37 21.21 8.55
N ILE A 35 -16.57 19.89 8.57
CA ILE A 35 -15.75 18.94 7.83
C ILE A 35 -16.58 18.18 6.79
N THR A 36 -16.09 18.18 5.55
CA THR A 36 -16.71 17.44 4.45
C THR A 36 -15.71 16.52 3.76
N MET A 37 -16.11 15.28 3.55
CA MET A 37 -15.31 14.29 2.86
C MET A 37 -15.95 13.92 1.54
N ILE A 38 -15.15 13.97 0.47
CA ILE A 38 -15.57 13.52 -0.85
C ILE A 38 -15.01 12.11 -1.09
N ASN A 39 -15.86 11.16 -1.48
CA ASN A 39 -15.35 9.82 -1.85
C ASN A 39 -15.93 9.24 -3.12
N SER A 40 -15.04 8.76 -3.99
CA SER A 40 -15.43 8.22 -5.29
C SER A 40 -16.19 6.89 -5.18
N GLU A 41 -15.93 6.14 -4.11
CA GLU A 41 -16.61 4.86 -3.86
C GLU A 41 -17.97 5.08 -3.18
N LYS A 42 -18.82 4.04 -3.20
CA LYS A 42 -20.14 4.15 -2.58
C LYS A 42 -20.15 3.67 -1.12
N TYR A 43 -18.95 3.46 -0.58
CA TYR A 43 -18.77 2.96 0.79
C TYR A 43 -18.01 3.96 1.64
N LEU A 44 -18.31 3.98 2.93
CA LEU A 44 -17.53 4.72 3.93
C LEU A 44 -16.09 4.19 4.00
N PRO A 45 -15.16 4.95 4.61
CA PRO A 45 -13.80 4.47 4.80
C PRO A 45 -13.72 3.06 5.38
N TYR A 46 -12.94 2.21 4.73
CA TYR A 46 -12.77 0.83 5.20
C TYR A 46 -11.31 0.43 5.26
N TYR A 47 -11.03 -0.59 6.06
CA TYR A 47 -9.67 -1.08 6.28
C TYR A 47 -9.27 -1.90 5.05
N ARG A 48 -8.83 -1.18 4.02
CA ARG A 48 -8.49 -1.76 2.71
C ARG A 48 -7.62 -3.04 2.74
N PRO A 49 -6.57 -3.11 3.62
CA PRO A 49 -5.75 -4.34 3.64
C PRO A 49 -6.52 -5.64 3.96
N ARG A 50 -7.76 -5.54 4.42
CA ARG A 50 -8.51 -6.74 4.75
C ARG A 50 -9.38 -7.23 3.59
N LEU A 51 -9.21 -6.65 2.41
CA LEU A 51 -9.96 -7.06 1.21
C LEU A 51 -9.78 -8.56 0.91
N ASN A 52 -8.60 -9.10 1.23
CA ASN A 52 -8.36 -10.53 1.06
CA ASN A 52 -8.35 -10.53 1.07
C ASN A 52 -9.32 -11.38 1.89
N GLU A 53 -9.81 -10.85 3.00
CA GLU A 53 -10.77 -11.55 3.87
C GLU A 53 -12.19 -11.57 3.31
N ILE A 54 -12.51 -10.57 2.49
CA ILE A 54 -13.77 -10.56 1.75
C ILE A 54 -13.81 -11.80 0.85
N ILE A 55 -12.67 -12.08 0.21
CA ILE A 55 -12.51 -13.27 -0.60
C ILE A 55 -12.36 -14.54 0.28
N ALA A 56 -11.37 -14.56 1.18
CA ALA A 56 -11.09 -15.78 1.98
C ALA A 56 -12.16 -16.22 2.99
N LYS A 57 -12.84 -15.26 3.62
CA LYS A 57 -13.79 -15.57 4.70
C LYS A 57 -15.23 -15.20 4.38
N ASN A 58 -15.47 -14.75 3.15
CA ASN A 58 -16.81 -14.36 2.70
CA ASN A 58 -16.79 -14.32 2.69
C ASN A 58 -17.39 -13.22 3.58
N LYS A 59 -16.50 -12.34 4.04
CA LYS A 59 -16.92 -11.16 4.81
C LYS A 59 -17.46 -10.09 3.85
N SER A 60 -18.29 -9.18 4.35
CA SER A 60 -18.84 -8.10 3.54
C SER A 60 -18.20 -6.75 3.89
N ILE A 61 -18.67 -5.70 3.21
CA ILE A 61 -18.17 -4.34 3.44
C ILE A 61 -18.34 -3.93 4.90
N ASP A 62 -19.49 -4.24 5.46
CA ASP A 62 -19.80 -3.93 6.84
C ASP A 62 -18.77 -4.43 7.86
N ASP A 63 -18.15 -5.57 7.57
CA ASP A 63 -17.15 -6.16 8.45
C ASP A 63 -15.80 -5.46 8.41
N ILE A 64 -15.56 -4.62 7.39
CA ILE A 64 -14.26 -3.97 7.24
C ILE A 64 -14.28 -2.43 7.31
N LEU A 65 -15.48 -1.86 7.41
CA LEU A 65 -15.65 -0.40 7.60
C LEU A 65 -14.93 0.04 8.88
N ILE A 66 -14.23 1.17 8.82
CA ILE A 66 -13.56 1.71 10.02
C ILE A 66 -14.62 2.21 11.01
N LYS A 67 -15.52 3.06 10.53
CA LYS A 67 -16.64 3.53 11.33
C LYS A 67 -17.91 3.34 10.54
N LYS A 68 -19.00 3.04 11.25
CA LYS A 68 -20.33 2.93 10.64
C LYS A 68 -20.95 4.30 10.44
N ASN A 69 -22.04 4.34 9.68
CA ASN A 69 -22.74 5.60 9.35
CA ASN A 69 -22.72 5.60 9.34
C ASN A 69 -22.99 6.50 10.55
N ASP A 70 -23.50 5.90 11.62
CA ASP A 70 -23.87 6.63 12.83
CA ASP A 70 -23.86 6.61 12.85
C ASP A 70 -22.73 7.47 13.42
N TRP A 71 -21.50 7.01 13.24
CA TRP A 71 -20.35 7.73 13.75
C TRP A 71 -20.18 9.08 13.06
N TYR A 72 -20.31 9.10 11.73
CA TYR A 72 -20.16 10.34 10.95
C TYR A 72 -21.29 11.33 11.23
N GLU A 73 -22.48 10.81 11.49
CA GLU A 73 -23.64 11.64 11.84
C GLU A 73 -23.54 12.23 13.25
N LYS A 74 -23.22 11.37 14.23
CA LYS A 74 -22.99 11.81 15.62
C LYS A 74 -21.91 12.88 15.67
N ASN A 75 -20.89 12.74 14.83
CA ASN A 75 -19.77 13.69 14.82
C ASN A 75 -19.90 14.81 13.79
N ASN A 76 -21.05 14.84 13.11
CA ASN A 76 -21.35 15.87 12.09
C ASN A 76 -20.40 15.97 10.91
N ILE A 77 -19.68 14.89 10.62
CA ILE A 77 -18.84 14.85 9.44
C ILE A 77 -19.69 14.49 8.23
N LYS A 78 -19.65 15.35 7.22
CA LYS A 78 -20.43 15.17 6.01
C LYS A 78 -19.65 14.39 4.95
N VAL A 79 -20.20 13.25 4.57
CA VAL A 79 -19.57 12.40 3.56
C VAL A 79 -20.40 12.42 2.28
N ILE A 80 -19.81 12.87 1.19
CA ILE A 80 -20.45 12.78 -0.11
C ILE A 80 -19.88 11.58 -0.85
N THR A 81 -20.68 10.52 -0.97
CA THR A 81 -20.23 9.27 -1.61
C THR A 81 -20.51 9.29 -3.11
N SER A 82 -19.83 8.41 -3.82
CA SER A 82 -19.92 8.26 -5.28
C SER A 82 -19.67 9.59 -6.02
N GLU A 83 -18.80 10.41 -5.43
CA GLU A 83 -18.43 11.68 -6.04
C GLU A 83 -16.92 11.80 -6.20
N PHE A 84 -16.51 12.32 -7.35
CA PHE A 84 -15.14 12.28 -7.83
C PHE A 84 -14.69 13.70 -8.15
N ALA A 85 -13.63 14.16 -7.50
CA ALA A 85 -13.01 15.45 -7.81
C ALA A 85 -12.20 15.32 -9.09
N THR A 86 -12.38 16.27 -10.00
CA THR A 86 -11.68 16.26 -11.29
C THR A 86 -10.72 17.43 -11.41
N SER A 87 -10.99 18.51 -10.68
CA SER A 87 -10.24 19.77 -10.78
C SER A 87 -10.06 20.43 -9.43
N ILE A 88 -8.95 21.16 -9.29
CA ILE A 88 -8.72 22.04 -8.14
C ILE A 88 -8.36 23.43 -8.66
N ASP A 89 -9.03 24.44 -8.12
CA ASP A 89 -8.72 25.85 -8.36
C ASP A 89 -8.23 26.49 -7.05
N PRO A 90 -6.92 26.39 -6.77
CA PRO A 90 -6.33 26.84 -5.50
C PRO A 90 -6.53 28.30 -5.12
N ASN A 91 -6.57 29.20 -6.10
CA ASN A 91 -6.68 30.64 -5.83
CA ASN A 91 -6.68 30.62 -5.79
C ASN A 91 -8.10 31.05 -5.43
N ASN A 92 -9.09 30.34 -5.98
CA ASN A 92 -10.49 30.57 -5.62
C ASN A 92 -10.98 29.56 -4.58
N LYS A 93 -10.09 28.63 -4.23
CA LYS A 93 -10.37 27.58 -3.25
C LYS A 93 -11.64 26.80 -3.62
N LEU A 94 -11.68 26.33 -4.86
CA LEU A 94 -12.82 25.58 -5.38
C LEU A 94 -12.36 24.25 -5.94
N VAL A 95 -13.06 23.18 -5.56
CA VAL A 95 -12.83 21.86 -6.12
C VAL A 95 -13.99 21.51 -7.04
N THR A 96 -13.67 21.09 -8.26
CA THR A 96 -14.70 20.72 -9.23
C THR A 96 -14.85 19.21 -9.28
N LEU A 97 -16.09 18.76 -9.13
CA LEU A 97 -16.42 17.35 -9.20
C LEU A 97 -16.81 16.92 -10.62
N LYS A 98 -16.94 15.60 -10.80
CA LYS A 98 -17.35 15.00 -12.07
C LYS A 98 -18.70 15.54 -12.56
N SER A 99 -19.67 15.66 -11.64
CA SER A 99 -21.00 16.22 -11.93
C SER A 99 -20.99 17.65 -12.47
N GLY A 100 -19.89 18.37 -12.22
CA GLY A 100 -19.77 19.78 -12.60
C GLY A 100 -20.02 20.70 -11.42
N GLU A 101 -20.50 20.10 -10.33
CA GLU A 101 -20.71 20.76 -9.05
C GLU A 101 -19.39 21.23 -8.43
N LYS A 102 -19.38 22.43 -7.87
CA LYS A 102 -18.17 22.96 -7.21
C LYS A 102 -18.33 23.05 -5.70
N ILE A 103 -17.24 22.83 -4.98
CA ILE A 103 -17.22 22.99 -3.53
C ILE A 103 -16.10 23.94 -3.10
N LYS A 104 -16.47 24.96 -2.32
CA LYS A 104 -15.51 25.90 -1.74
C LYS A 104 -14.98 25.38 -0.42
N TYR A 105 -13.68 25.55 -0.19
CA TYR A 105 -13.03 25.14 1.04
C TYR A 105 -12.23 26.30 1.63
N GLU A 106 -11.90 26.19 2.92
CA GLU A 106 -10.89 27.07 3.53
C GLU A 106 -9.56 26.31 3.54
N LYS A 107 -9.62 25.02 3.90
CA LYS A 107 -8.48 24.12 3.78
C LYS A 107 -8.84 22.84 3.04
N LEU A 108 -7.91 22.38 2.20
CA LEU A 108 -8.09 21.19 1.40
C LEU A 108 -7.07 20.12 1.80
N ILE A 109 -7.56 18.93 2.13
CA ILE A 109 -6.66 17.81 2.42
C ILE A 109 -6.84 16.77 1.31
N ILE A 110 -5.78 16.54 0.55
CA ILE A 110 -5.81 15.54 -0.53
C ILE A 110 -5.37 14.17 -0.02
N ALA A 111 -6.31 13.23 -0.05
CA ALA A 111 -6.10 11.89 0.49
C ALA A 111 -6.66 10.85 -0.50
N SER A 112 -6.27 11.00 -1.77
CA SER A 112 -6.89 10.26 -2.87
C SER A 112 -6.22 8.91 -3.14
N GLY A 113 -5.29 8.50 -2.28
CA GLY A 113 -4.71 7.16 -2.35
C GLY A 113 -4.03 6.76 -3.66
N SER A 114 -4.20 5.50 -4.04
CA SER A 114 -3.48 4.94 -5.17
C SER A 114 -4.40 4.38 -6.26
N ILE A 115 -3.80 4.08 -7.40
CA ILE A 115 -4.48 3.46 -8.52
C ILE A 115 -3.60 2.31 -9.03
N ALA A 116 -4.21 1.15 -9.26
CA ALA A 116 -3.49 -0.03 -9.72
C ALA A 116 -2.88 0.21 -11.10
N ASN A 117 -1.63 -0.22 -11.27
CA ASN A 117 -0.98 -0.23 -12.57
C ASN A 117 -1.71 -1.18 -13.51
N LYS A 118 -2.01 -0.70 -14.71
CA LYS A 118 -2.70 -1.52 -15.70
C LYS A 118 -1.72 -1.98 -16.76
N ILE A 119 -1.68 -3.29 -16.97
CA ILE A 119 -0.90 -3.88 -18.06
C ILE A 119 -1.79 -4.68 -19.00
N LYS A 120 -1.35 -4.82 -20.25
CA LYS A 120 -2.03 -5.67 -21.21
C LYS A 120 -1.57 -7.11 -21.00
N VAL A 121 -2.52 -8.04 -20.97
CA VAL A 121 -2.23 -9.47 -20.83
C VAL A 121 -2.76 -10.21 -22.06
N PRO A 122 -1.88 -10.88 -22.82
CA PRO A 122 -2.33 -11.56 -24.04
C PRO A 122 -3.22 -12.75 -23.70
N HIS A 123 -4.26 -12.94 -24.50
CA HIS A 123 -5.22 -14.06 -24.38
C HIS A 123 -6.36 -13.83 -23.37
N ALA A 124 -6.24 -12.77 -22.57
CA ALA A 124 -7.24 -12.47 -21.55
C ALA A 124 -8.30 -11.50 -22.07
N ASP A 125 -9.56 -11.93 -22.01
CA ASP A 125 -10.67 -11.04 -22.35
C ASP A 125 -10.84 -9.96 -21.29
N GLU A 126 -10.89 -10.38 -20.02
CA GLU A 126 -11.04 -9.44 -18.92
C GLU A 126 -9.85 -9.57 -17.97
N ILE A 127 -9.26 -8.45 -17.62
CA ILE A 127 -8.21 -8.40 -16.60
C ILE A 127 -8.77 -7.75 -15.35
N PHE A 128 -8.55 -8.39 -14.21
CA PHE A 128 -8.98 -7.87 -12.93
C PHE A 128 -7.77 -7.39 -12.14
N SER A 129 -8.02 -6.45 -11.25
CA SER A 129 -7.07 -6.20 -10.17
C SER A 129 -7.81 -5.95 -8.87
N LEU A 130 -7.10 -6.12 -7.77
CA LEU A 130 -7.68 -5.96 -6.46
C LEU A 130 -7.18 -4.65 -5.87
N TYR A 131 -8.05 -3.65 -5.88
CA TYR A 131 -7.81 -2.40 -5.17
C TYR A 131 -8.98 -2.09 -4.23
N SER A 132 -10.19 -2.19 -4.77
CA SER A 132 -11.41 -1.74 -4.09
C SER A 132 -12.29 -2.88 -3.62
N TYR A 133 -13.26 -2.57 -2.76
CA TYR A 133 -14.24 -3.58 -2.33
C TYR A 133 -15.01 -4.16 -3.53
N ASP A 134 -15.38 -3.29 -4.47
CA ASP A 134 -16.06 -3.75 -5.69
C ASP A 134 -15.17 -4.68 -6.53
N ASP A 135 -13.87 -4.40 -6.55
CA ASP A 135 -12.87 -5.26 -7.20
C ASP A 135 -12.92 -6.67 -6.62
N ALA A 136 -12.83 -6.75 -5.28
CA ALA A 136 -12.91 -8.03 -4.57
C ALA A 136 -14.13 -8.84 -5.01
N LEU A 137 -15.30 -8.20 -5.01
CA LEU A 137 -16.54 -8.86 -5.43
C LEU A 137 -16.47 -9.39 -6.86
N LYS A 138 -15.97 -8.57 -7.78
CA LYS A 138 -15.78 -8.98 -9.18
C LYS A 138 -14.86 -10.20 -9.28
N ILE A 139 -13.76 -10.18 -8.51
CA ILE A 139 -12.87 -11.34 -8.45
C ILE A 139 -13.56 -12.55 -7.83
N LYS A 140 -14.28 -12.35 -6.73
CA LYS A 140 -15.03 -13.44 -6.08
C LYS A 140 -15.86 -14.22 -7.11
N ASP A 141 -16.62 -13.47 -7.91
CA ASP A 141 -17.59 -14.06 -8.84
C ASP A 141 -16.96 -14.70 -10.06
N GLU A 142 -15.90 -14.11 -10.61
CA GLU A 142 -15.24 -14.71 -11.75
C GLU A 142 -14.56 -16.03 -11.37
N CYS A 143 -13.99 -16.07 -10.17
CA CYS A 143 -13.36 -17.29 -9.63
C CYS A 143 -14.35 -18.45 -9.52
N LYS A 144 -15.57 -18.17 -9.06
CA LYS A 144 -16.64 -19.17 -9.06
C LYS A 144 -17.08 -19.53 -10.48
N ASN A 145 -17.13 -18.52 -11.35
CA ASN A 145 -17.57 -18.65 -12.73
C ASN A 145 -16.57 -19.42 -13.62
N LYS A 146 -15.30 -19.05 -13.53
CA LYS A 146 -14.23 -19.67 -14.32
C LYS A 146 -13.74 -20.96 -13.68
N GLY A 147 -13.73 -21.00 -12.35
CA GLY A 147 -13.33 -22.20 -11.62
C GLY A 147 -11.90 -22.21 -11.11
N LYS A 148 -11.10 -21.25 -11.58
CA LYS A 148 -9.71 -21.06 -11.13
C LYS A 148 -9.17 -19.65 -11.43
N ALA A 149 -8.13 -19.23 -10.72
CA ALA A 149 -7.55 -17.91 -10.92
C ALA A 149 -6.08 -17.98 -11.38
N PHE A 150 -5.66 -16.99 -12.17
CA PHE A 150 -4.26 -16.85 -12.55
C PHE A 150 -3.83 -15.44 -12.20
N ILE A 151 -2.91 -15.33 -11.22
CA ILE A 151 -2.44 -14.04 -10.74
C ILE A 151 -1.11 -13.68 -11.39
N ILE A 152 -1.10 -12.57 -12.14
CA ILE A 152 0.12 -12.08 -12.78
C ILE A 152 0.74 -10.98 -11.91
N GLY A 153 2.01 -11.16 -11.56
CA GLY A 153 2.72 -10.19 -10.71
C GLY A 153 3.41 -10.86 -9.55
N GLY A 154 4.65 -10.47 -9.28
CA GLY A 154 5.52 -11.23 -8.39
C GLY A 154 5.61 -10.79 -6.95
N GLY A 155 4.71 -9.90 -6.53
CA GLY A 155 4.78 -9.26 -5.21
C GLY A 155 3.93 -9.87 -4.11
N ILE A 156 4.01 -9.26 -2.94
CA ILE A 156 3.29 -9.66 -1.73
C ILE A 156 1.77 -9.82 -1.92
N LEU A 157 1.16 -8.81 -2.52
CA LEU A 157 -0.28 -8.81 -2.72
C LEU A 157 -0.72 -9.97 -3.63
N GLY A 158 0.04 -10.23 -4.68
CA GLY A 158 -0.26 -11.34 -5.59
C GLY A 158 -0.25 -12.68 -4.87
N ILE A 159 0.75 -12.86 -4.01
CA ILE A 159 0.86 -14.08 -3.20
C ILE A 159 -0.27 -14.19 -2.16
N GLU A 160 -0.51 -13.12 -1.40
CA GLU A 160 -1.63 -13.11 -0.45
C GLU A 160 -2.98 -13.40 -1.10
N LEU A 161 -3.22 -12.81 -2.29
CA LEU A 161 -4.48 -13.01 -3.03
C LEU A 161 -4.66 -14.46 -3.41
N ALA A 162 -3.58 -15.08 -3.89
CA ALA A 162 -3.59 -16.49 -4.26
C ALA A 162 -4.05 -17.36 -3.10
N GLN A 163 -3.48 -17.15 -1.92
CA GLN A 163 -3.89 -17.88 -0.72
C GLN A 163 -5.35 -17.62 -0.38
N ALA A 164 -5.76 -16.35 -0.43
CA ALA A 164 -7.16 -15.98 -0.17
C ALA A 164 -8.12 -16.72 -1.11
N ILE A 165 -7.74 -16.82 -2.38
CA ILE A 165 -8.55 -17.51 -3.37
C ILE A 165 -8.55 -19.03 -3.13
N ILE A 166 -7.40 -19.59 -2.74
CA ILE A 166 -7.32 -20.99 -2.29
C ILE A 166 -8.26 -21.19 -1.11
N ASP A 167 -8.12 -20.34 -0.09
CA ASP A 167 -8.95 -20.43 1.11
C ASP A 167 -10.46 -20.38 0.84
N SER A 168 -10.86 -19.60 -0.17
CA SER A 168 -12.28 -19.47 -0.54
C SER A 168 -12.84 -20.75 -1.16
N GLY A 169 -11.95 -21.61 -1.66
CA GLY A 169 -12.33 -22.89 -2.26
C GLY A 169 -12.02 -22.99 -3.75
N THR A 170 -11.19 -22.08 -4.25
CA THR A 170 -10.86 -22.04 -5.67
C THR A 170 -9.34 -22.15 -5.90
N PRO A 171 -8.91 -23.10 -6.76
CA PRO A 171 -7.49 -23.22 -7.11
C PRO A 171 -6.93 -21.93 -7.74
N ALA A 172 -5.64 -21.68 -7.54
CA ALA A 172 -5.00 -20.48 -8.05
C ALA A 172 -3.49 -20.70 -8.17
N SER A 173 -2.90 -20.11 -9.21
CA SER A 173 -1.45 -20.11 -9.37
C SER A 173 -0.98 -18.73 -9.82
N ILE A 174 0.33 -18.49 -9.73
CA ILE A 174 0.90 -17.19 -10.05
C ILE A 174 1.82 -17.29 -11.25
N GLY A 175 1.83 -16.26 -12.08
CA GLY A 175 2.78 -16.13 -13.17
C GLY A 175 3.60 -14.87 -13.01
N ILE A 176 4.93 -15.02 -13.09
CA ILE A 176 5.86 -13.89 -12.98
C ILE A 176 6.82 -13.91 -14.16
N ILE A 177 7.38 -12.76 -14.52
CA ILE A 177 8.32 -12.71 -15.66
C ILE A 177 9.79 -12.97 -15.30
N LEU A 178 10.16 -12.74 -14.04
CA LEU A 178 11.52 -13.01 -13.57
C LEU A 178 11.66 -14.45 -13.07
N GLU A 179 12.87 -14.80 -12.60
CA GLU A 179 13.17 -16.16 -12.15
C GLU A 179 12.59 -16.45 -10.76
N TYR A 180 12.41 -15.42 -9.94
CA TYR A 180 12.02 -15.62 -8.56
C TYR A 180 11.07 -14.52 -8.08
N PRO A 181 10.21 -14.82 -7.10
CA PRO A 181 9.27 -13.77 -6.68
C PRO A 181 9.92 -12.78 -5.71
N LEU A 182 9.27 -11.63 -5.55
CA LEU A 182 9.58 -10.66 -4.51
C LEU A 182 10.97 -10.03 -4.68
N GLU A 183 11.30 -9.68 -5.92
CA GLU A 183 12.65 -9.25 -6.27
C GLU A 183 13.05 -7.89 -5.68
N ARG A 184 12.08 -7.17 -5.12
CA ARG A 184 12.34 -5.89 -4.47
CA ARG A 184 12.38 -5.91 -4.48
C ARG A 184 12.71 -6.09 -3.00
N GLN A 185 12.35 -7.25 -2.44
CA GLN A 185 12.54 -7.51 -1.00
C GLN A 185 13.57 -8.59 -0.72
N LEU A 186 13.80 -9.44 -1.72
CA LEU A 186 14.65 -10.62 -1.56
C LEU A 186 15.72 -10.65 -2.64
N ASP A 187 16.88 -11.23 -2.32
CA ASP A 187 17.84 -11.62 -3.36
C ASP A 187 17.33 -12.86 -4.08
N ARG A 188 18.07 -13.34 -5.08
CA ARG A 188 17.62 -14.47 -5.87
C ARG A 188 17.39 -15.70 -5.00
N ASP A 189 18.38 -16.02 -4.18
CA ASP A 189 18.34 -17.21 -3.33
C ASP A 189 17.20 -17.10 -2.30
N GLY A 190 16.94 -15.90 -1.80
CA GLY A 190 15.80 -15.65 -0.90
C GLY A 190 14.48 -15.95 -1.58
N GLY A 191 14.31 -15.41 -2.79
CA GLY A 191 13.09 -15.61 -3.56
C GLY A 191 12.82 -17.06 -3.92
N LEU A 192 13.88 -17.80 -4.25
CA LEU A 192 13.76 -19.20 -4.57
C LEU A 192 13.47 -20.02 -3.31
N PHE A 193 14.05 -19.63 -2.18
CA PHE A 193 13.68 -20.21 -0.90
C PHE A 193 12.17 -20.03 -0.69
N LEU A 194 11.68 -18.80 -0.88
CA LEU A 194 10.27 -18.52 -0.75
C LEU A 194 9.42 -19.32 -1.76
N LYS A 195 9.82 -19.31 -3.04
CA LYS A 195 9.13 -20.09 -4.07
C LYS A 195 8.95 -21.56 -3.66
N ASP A 196 10.02 -22.16 -3.12
CA ASP A 196 10.00 -23.56 -2.66
CA ASP A 196 9.97 -23.56 -2.70
C ASP A 196 8.98 -23.76 -1.54
N LYS A 197 9.05 -22.91 -0.52
CA LYS A 197 8.14 -22.98 0.62
C LYS A 197 6.68 -22.79 0.18
N LEU A 198 6.46 -21.87 -0.75
CA LEU A 198 5.14 -21.65 -1.31
C LEU A 198 4.67 -22.80 -2.21
N ASP A 199 5.60 -23.41 -2.95
CA ASP A 199 5.29 -24.46 -3.91
C ASP A 199 4.91 -25.77 -3.23
N ARG A 200 5.57 -26.09 -2.12
CA ARG A 200 5.19 -27.27 -1.35
C ARG A 200 3.92 -27.02 -0.52
N LEU A 201 3.53 -25.76 -0.42
CA LEU A 201 2.24 -25.38 0.20
C LEU A 201 1.11 -25.26 -0.83
N GLY A 202 1.38 -25.70 -2.05
CA GLY A 202 0.38 -25.71 -3.11
C GLY A 202 0.17 -24.40 -3.83
N ILE A 203 0.98 -23.39 -3.52
CA ILE A 203 0.94 -22.14 -4.27
C ILE A 203 2.02 -22.18 -5.36
N LYS A 204 1.59 -22.50 -6.58
CA LYS A 204 2.51 -22.60 -7.72
C LYS A 204 2.82 -21.24 -8.32
N ILE A 205 4.10 -21.03 -8.62
CA ILE A 205 4.53 -19.81 -9.31
C ILE A 205 5.23 -20.18 -10.61
N TYR A 206 4.64 -19.73 -11.72
CA TYR A 206 5.26 -19.92 -13.03
C TYR A 206 6.29 -18.81 -13.20
N THR A 207 7.54 -19.21 -13.35
CA THR A 207 8.64 -18.24 -13.43
C THR A 207 9.10 -18.07 -14.85
N ASN A 208 9.73 -16.93 -15.13
CA ASN A 208 10.19 -16.59 -16.47
C ASN A 208 9.09 -16.79 -17.51
N SER A 209 7.91 -16.27 -17.21
CA SER A 209 6.71 -16.56 -18.03
C SER A 209 6.64 -15.74 -19.30
N ASN A 210 6.19 -16.39 -20.37
CA ASN A 210 5.72 -15.71 -21.57
C ASN A 210 4.21 -15.96 -21.68
N PHE A 211 3.43 -14.93 -21.37
CA PHE A 211 1.97 -15.07 -21.27
C PHE A 211 1.27 -15.37 -22.59
N GLU A 212 1.91 -15.02 -23.71
CA GLU A 212 1.43 -15.40 -25.04
C GLU A 212 1.42 -16.92 -25.21
N GLU A 213 2.29 -17.58 -24.45
CA GLU A 213 2.48 -19.03 -24.53
C GLU A 213 1.69 -19.75 -23.45
N MET A 214 0.85 -18.99 -22.73
CA MET A 214 0.06 -19.53 -21.63
C MET A 214 -1.44 -19.30 -21.86
N GLY A 215 -1.83 -19.30 -23.13
CA GLY A 215 -3.20 -19.06 -23.56
C GLY A 215 -4.23 -19.92 -22.87
N ASP A 216 -3.99 -21.24 -22.86
CA ASP A 216 -4.94 -22.21 -22.29
C ASP A 216 -5.26 -21.94 -20.81
N LEU A 217 -4.23 -21.68 -20.02
CA LEU A 217 -4.41 -21.36 -18.61
C LEU A 217 -5.05 -19.99 -18.42
N ILE A 218 -4.55 -19.00 -19.15
CA ILE A 218 -5.11 -17.64 -19.09
C ILE A 218 -6.61 -17.61 -19.44
N ARG A 219 -6.97 -18.25 -20.56
CA ARG A 219 -8.34 -18.32 -21.03
C ARG A 219 -9.29 -18.92 -19.99
N SER A 220 -8.83 -20.07 -19.39
CA SER A 220 -9.66 -20.83 -18.45
C SER A 220 -9.66 -20.28 -17.02
N SER A 221 -8.91 -19.20 -16.78
CA SER A 221 -8.81 -18.61 -15.44
C SER A 221 -9.42 -17.22 -15.35
N CYS A 222 -9.79 -16.85 -14.12
CA CYS A 222 -10.02 -15.45 -13.79
C CYS A 222 -8.62 -14.84 -13.64
N VAL A 223 -8.30 -13.85 -14.46
CA VAL A 223 -6.94 -13.31 -14.48
C VAL A 223 -6.85 -11.98 -13.74
N ILE A 224 -5.99 -11.97 -12.72
CA ILE A 224 -5.83 -10.82 -11.84
C ILE A 224 -4.39 -10.32 -11.93
N THR A 225 -4.22 -9.06 -12.28
CA THR A 225 -2.90 -8.47 -12.30
C THR A 225 -2.63 -7.79 -10.96
N ALA A 226 -1.48 -8.12 -10.38
CA ALA A 226 -1.02 -7.55 -9.12
C ALA A 226 0.38 -7.03 -9.42
N VAL A 227 0.43 -5.88 -10.08
CA VAL A 227 1.65 -5.34 -10.64
C VAL A 227 1.94 -3.93 -10.09
N GLY A 228 1.54 -3.72 -8.83
CA GLY A 228 1.86 -2.51 -8.14
C GLY A 228 0.83 -1.42 -8.40
N VAL A 229 1.14 -0.26 -7.84
CA VAL A 229 0.16 0.76 -7.59
C VAL A 229 0.90 2.10 -7.65
N LYS A 230 0.21 3.19 -8.04
CA LYS A 230 0.79 4.54 -8.04
C LYS A 230 -0.18 5.56 -7.43
N PRO A 231 0.35 6.64 -6.83
CA PRO A 231 -0.51 7.72 -6.36
C PRO A 231 -1.57 8.14 -7.39
N ASN A 232 -2.80 8.27 -6.93
CA ASN A 232 -3.92 8.66 -7.77
C ASN A 232 -4.08 10.18 -7.68
N LEU A 233 -3.56 10.90 -8.67
CA LEU A 233 -3.45 12.36 -8.58
C LEU A 233 -3.67 13.14 -9.89
N ASP A 234 -4.35 12.54 -10.88
CA ASP A 234 -4.59 13.20 -12.17
CA ASP A 234 -4.54 13.21 -12.16
C ASP A 234 -5.32 14.54 -12.03
N PHE A 235 -6.18 14.65 -11.02
CA PHE A 235 -6.94 15.89 -10.76
C PHE A 235 -6.09 17.13 -10.38
N ILE A 236 -4.79 16.95 -10.12
CA ILE A 236 -3.92 18.12 -9.85
C ILE A 236 -3.27 18.70 -11.10
N LYS A 237 -3.45 18.03 -12.25
CA LYS A 237 -2.71 18.31 -13.50
C LYS A 237 -2.60 19.77 -13.95
N ASP A 238 -3.63 20.57 -13.68
CA ASP A 238 -3.62 21.96 -14.12
CA ASP A 238 -3.70 21.97 -14.08
C ASP A 238 -3.07 22.93 -13.08
N THR A 239 -2.77 22.42 -11.88
CA THR A 239 -2.32 23.26 -10.78
C THR A 239 -0.80 23.27 -10.67
N GLU A 240 -0.28 24.09 -9.76
CA GLU A 240 1.14 24.11 -9.47
C GLU A 240 1.50 23.25 -8.26
N ILE A 241 0.62 22.31 -7.88
CA ILE A 241 0.90 21.41 -6.77
C ILE A 241 2.06 20.49 -7.18
N ALA A 242 3.15 20.54 -6.42
CA ALA A 242 4.36 19.81 -6.79
C ALA A 242 4.16 18.32 -6.61
N SER A 243 4.66 17.55 -7.57
CA SER A 243 4.60 16.10 -7.48
C SER A 243 5.78 15.47 -8.19
N LYS A 244 6.15 14.27 -7.75
CA LYS A 244 7.07 13.43 -8.50
C LYS A 244 6.35 12.10 -8.76
N ARG A 245 6.57 11.12 -7.89
CA ARG A 245 5.73 9.92 -7.87
C ARG A 245 4.41 10.30 -7.19
N GLY A 246 4.52 10.90 -6.00
CA GLY A 246 3.35 11.34 -5.26
C GLY A 246 3.32 12.84 -5.13
N ILE A 247 2.30 13.37 -4.43
CA ILE A 247 2.23 14.80 -4.13
C ILE A 247 3.27 15.10 -3.05
N LEU A 248 4.13 16.07 -3.32
CA LEU A 248 5.23 16.41 -2.42
C LEU A 248 4.70 17.13 -1.18
N VAL A 249 5.08 16.64 0.01
CA VAL A 249 4.66 17.29 1.27
C VAL A 249 5.81 17.48 2.24
N ASN A 250 5.72 18.51 3.09
CA ASN A 250 6.67 18.67 4.20
C ASN A 250 6.19 17.86 5.42
N ASP A 251 6.85 18.06 6.57
CA ASP A 251 6.54 17.29 7.79
C ASP A 251 5.17 17.67 8.38
N HIS A 252 4.67 18.86 8.00
CA HIS A 252 3.31 19.28 8.38
C HIS A 252 2.23 18.75 7.44
N MET A 253 2.63 17.91 6.48
CA MET A 253 1.76 17.42 5.39
C MET A 253 1.26 18.52 4.43
N GLU A 254 1.95 19.66 4.42
CA GLU A 254 1.62 20.77 3.51
C GLU A 254 2.22 20.55 2.12
N THR A 255 1.43 20.80 1.08
CA THR A 255 1.91 20.70 -0.29
C THR A 255 2.64 22.01 -0.68
N SER A 256 3.02 22.11 -1.95
CA SER A 256 3.63 23.30 -2.55
CA SER A 256 3.67 23.31 -2.48
C SER A 256 2.75 24.53 -2.46
N ILE A 257 1.45 24.30 -2.29
CA ILE A 257 0.46 25.39 -2.38
C ILE A 257 -0.19 25.64 -1.03
N LYS A 258 -0.25 26.90 -0.64
CA LYS A 258 -0.82 27.30 0.64
C LYS A 258 -2.22 26.71 0.83
N ASP A 259 -2.48 26.20 2.04
CA ASP A 259 -3.80 25.77 2.46
C ASP A 259 -4.27 24.47 1.81
N ILE A 260 -3.38 23.87 1.02
CA ILE A 260 -3.59 22.52 0.50
C ILE A 260 -2.60 21.51 1.12
N TYR A 261 -3.15 20.44 1.66
CA TYR A 261 -2.37 19.38 2.31
C TYR A 261 -2.57 18.08 1.53
N ALA A 262 -1.68 17.12 1.77
CA ALA A 262 -1.85 15.76 1.27
C ALA A 262 -1.28 14.75 2.27
N CYS A 263 -1.73 13.51 2.17
CA CYS A 263 -1.42 12.48 3.17
C CYS A 263 -1.74 11.08 2.67
N GLY A 264 -0.95 10.11 3.12
CA GLY A 264 -1.21 8.71 2.82
C GLY A 264 -0.57 8.32 1.51
N ASP A 265 -1.22 7.39 0.81
CA ASP A 265 -0.70 6.78 -0.43
C ASP A 265 -0.39 7.77 -1.55
N VAL A 266 -1.10 8.90 -1.58
CA VAL A 266 -0.93 9.89 -2.64
C VAL A 266 0.30 10.81 -2.41
N ALA A 267 0.83 10.79 -1.19
CA ALA A 267 1.80 11.79 -0.75
C ALA A 267 3.23 11.25 -0.68
N GLU A 268 4.17 12.11 -1.06
CA GLU A 268 5.58 11.75 -1.10
C GLU A 268 6.35 12.68 -0.14
N PHE A 269 7.01 12.08 0.84
CA PHE A 269 7.63 12.80 1.96
C PHE A 269 9.11 12.46 1.98
N TYR A 270 9.95 13.44 1.72
CA TYR A 270 11.39 13.20 1.55
C TYR A 270 11.65 12.07 0.55
N GLY A 271 10.88 12.04 -0.54
CA GLY A 271 11.11 11.10 -1.62
C GLY A 271 10.57 9.71 -1.33
N LYS A 272 9.89 9.55 -0.20
CA LYS A 272 9.34 8.25 0.19
C LYS A 272 7.83 8.20 -0.01
N ASN A 273 7.37 7.13 -0.67
CA ASN A 273 5.95 6.93 -0.89
C ASN A 273 5.64 5.44 -0.70
N PRO A 274 5.72 4.94 0.55
CA PRO A 274 5.79 3.50 0.77
C PRO A 274 4.47 2.76 0.55
N GLY A 275 3.34 3.46 0.65
CA GLY A 275 2.03 2.89 0.35
C GLY A 275 1.56 1.92 1.42
N LEU A 276 1.75 2.29 2.68
CA LEU A 276 1.43 1.44 3.82
C LEU A 276 0.37 2.11 4.68
N ILE A 277 -0.47 1.29 5.33
CA ILE A 277 -1.61 1.83 6.08
C ILE A 277 -1.24 2.60 7.36
N ASN A 278 -0.21 2.19 8.09
CA ASN A 278 0.18 2.96 9.27
CA ASN A 278 0.23 2.94 9.28
C ASN A 278 0.64 4.38 8.91
N ILE A 279 1.25 4.53 7.73
CA ILE A 279 1.64 5.84 7.18
C ILE A 279 0.39 6.68 6.83
N ALA A 280 -0.61 6.03 6.23
CA ALA A 280 -1.87 6.69 5.89
C ALA A 280 -2.55 7.25 7.13
N ASN A 281 -2.67 6.41 8.15
CA ASN A 281 -3.27 6.82 9.42
CA ASN A 281 -3.26 6.81 9.42
C ASN A 281 -2.53 8.00 10.04
N LYS A 282 -1.20 7.90 10.10
CA LYS A 282 -0.40 8.90 10.81
C LYS A 282 -0.25 10.20 10.00
N GLN A 283 -0.07 10.08 8.68
CA GLN A 283 -0.05 11.29 7.85
C GLN A 283 -1.42 11.96 7.79
N GLY A 284 -2.48 11.17 7.67
CA GLY A 284 -3.85 11.71 7.72
C GLY A 284 -4.10 12.52 8.98
N GLU A 285 -3.71 11.95 10.13
CA GLU A 285 -3.78 12.63 11.41
C GLU A 285 -3.03 13.99 11.42
N VAL A 286 -1.78 13.99 11.00
CA VAL A 286 -0.97 15.24 10.98
C VAL A 286 -1.61 16.32 10.09
N ALA A 287 -2.11 15.90 8.92
CA ALA A 287 -2.79 16.81 8.00
C ALA A 287 -4.05 17.45 8.61
N GLY A 288 -4.89 16.63 9.25
CA GLY A 288 -6.11 17.14 9.89
C GLY A 288 -5.81 18.15 10.98
N LEU A 289 -4.82 17.81 11.82
CA LEU A 289 -4.33 18.64 12.92
C LEU A 289 -3.80 20.00 12.43
N ASN A 290 -3.00 19.97 11.38
CA ASN A 290 -2.42 21.20 10.80
C ASN A 290 -3.49 22.06 10.13
N ALA A 291 -4.39 21.42 9.39
CA ALA A 291 -5.51 22.09 8.74
C ALA A 291 -6.39 22.83 9.76
N CYS A 292 -6.36 22.36 11.00
CA CYS A 292 -7.07 23.03 12.09
CA CYS A 292 -7.08 23.03 12.10
C CYS A 292 -6.16 23.93 12.93
N GLY A 293 -4.98 24.23 12.40
CA GLY A 293 -4.07 25.19 13.02
C GLY A 293 -3.19 24.68 14.14
N GLU A 294 -2.92 23.39 14.16
CA GLU A 294 -2.00 22.80 15.13
C GLU A 294 -0.78 22.24 14.37
N ASP A 295 0.38 22.87 14.58
CA ASP A 295 1.56 22.60 13.73
C ASP A 295 2.36 21.31 14.04
N ALA A 296 1.64 20.20 14.17
CA ALA A 296 2.22 18.87 14.37
C ALA A 296 3.12 18.46 13.21
N SER A 297 4.17 17.72 13.54
CA SER A 297 5.09 17.20 12.53
C SER A 297 5.06 15.68 12.46
N TYR A 298 4.93 15.19 11.23
CA TYR A 298 5.09 13.78 10.93
C TYR A 298 6.57 13.45 10.89
N SER A 299 6.96 12.36 11.55
CA SER A 299 8.29 11.83 11.32
C SER A 299 8.18 10.42 10.75
N GLU A 300 9.10 10.08 9.85
CA GLU A 300 9.13 8.78 9.20
C GLU A 300 9.13 7.66 10.25
N ILE A 301 8.19 6.74 10.13
CA ILE A 301 7.99 5.71 11.14
C ILE A 301 8.69 4.39 10.80
N ILE A 302 8.80 4.14 9.50
CA ILE A 302 8.33 2.87 8.93
C ILE A 302 9.14 1.57 9.00
N PRO A 303 8.69 0.64 9.87
CA PRO A 303 8.93 -0.78 9.69
C PRO A 303 7.70 -1.40 9.00
N SER A 304 7.86 -2.65 8.55
CA SER A 304 6.73 -3.42 8.00
C SER A 304 7.07 -4.91 7.99
N PRO A 305 6.51 -5.67 8.93
CA PRO A 305 6.69 -7.12 8.83
C PRO A 305 5.73 -7.66 7.79
N ILE A 306 6.29 -8.10 6.67
CA ILE A 306 5.52 -8.83 5.68
C ILE A 306 5.77 -10.32 5.96
N LEU A 307 5.08 -11.23 5.30
CA LEU A 307 3.78 -11.00 4.72
C LEU A 307 2.87 -11.98 5.42
N LYS A 308 1.57 -11.81 5.29
CA LYS A 308 0.63 -12.63 6.02
C LYS A 308 0.33 -13.92 5.25
N VAL A 309 1.29 -14.39 4.44
CA VAL A 309 1.01 -15.48 3.50
C VAL A 309 1.47 -16.86 3.97
N SER A 310 0.54 -17.81 3.84
CA SER A 310 0.78 -19.23 4.09
C SER A 310 1.56 -19.52 5.37
N GLY A 311 1.50 -18.58 6.32
CA GLY A 311 2.21 -18.68 7.58
C GLY A 311 3.72 -18.61 7.42
N ILE A 312 4.18 -17.91 6.37
CA ILE A 312 5.61 -17.68 6.12
C ILE A 312 5.92 -16.19 6.23
N SER A 313 6.80 -15.83 7.15
CA SER A 313 7.02 -14.45 7.54
C SER A 313 8.28 -13.88 6.92
N ILE A 314 8.22 -12.61 6.49
CA ILE A 314 9.38 -11.96 5.85
C ILE A 314 9.60 -10.55 6.39
N ILE A 315 10.84 -10.24 6.73
CA ILE A 315 11.19 -8.83 6.92
C ILE A 315 12.39 -8.47 6.04
N SER A 316 12.26 -7.35 5.34
CA SER A 316 13.27 -6.91 4.40
C SER A 316 13.60 -5.47 4.68
N CYS A 317 14.90 -5.15 4.64
CA CYS A 317 15.38 -3.82 5.01
CA CYS A 317 15.40 -3.83 5.03
C CYS A 317 16.46 -3.30 4.09
N GLY A 318 16.29 -2.06 3.63
CA GLY A 318 17.27 -1.40 2.78
C GLY A 318 17.19 -1.89 1.35
N ASP A 319 18.02 -1.29 0.49
CA ASP A 319 18.03 -1.58 -0.94
C ASP A 319 18.63 -2.95 -1.24
N ILE A 320 17.78 -3.98 -1.19
CA ILE A 320 18.18 -5.36 -1.53
C ILE A 320 18.37 -5.54 -3.04
N GLU A 321 17.45 -5.02 -3.82
CA GLU A 321 17.40 -5.30 -5.27
C GLU A 321 18.67 -4.91 -6.04
N ASN A 322 19.18 -3.72 -5.80
CA ASN A 322 20.34 -3.21 -6.55
C ASN A 322 21.58 -3.01 -5.68
N ASN A 323 21.63 -3.70 -4.54
CA ASN A 323 22.74 -3.52 -3.62
C ASN A 323 24.09 -3.94 -4.22
N LYS A 324 25.08 -3.07 -4.05
CA LYS A 324 26.46 -3.38 -4.36
C LYS A 324 27.24 -3.43 -3.03
N PRO A 325 27.16 -4.57 -2.33
CA PRO A 325 27.80 -4.67 -1.03
C PRO A 325 29.28 -5.04 -1.13
N SER A 326 30.03 -4.74 -0.08
CA SER A 326 31.42 -5.18 0.03
C SER A 326 31.48 -6.64 0.44
N LYS A 327 30.49 -7.08 1.23
CA LYS A 327 30.42 -8.45 1.70
C LYS A 327 28.97 -8.91 1.91
N VAL A 328 28.71 -10.18 1.60
CA VAL A 328 27.39 -10.78 1.75
C VAL A 328 27.48 -12.02 2.63
N PHE A 329 26.66 -12.07 3.67
CA PHE A 329 26.48 -13.28 4.46
C PHE A 329 25.07 -13.87 4.24
N ARG A 330 25.03 -15.14 3.88
CA ARG A 330 23.79 -15.83 3.60
C ARG A 330 23.70 -17.09 4.45
N SER A 331 22.50 -17.41 4.92
CA SER A 331 22.23 -18.66 5.62
C SER A 331 20.92 -19.26 5.15
N THR A 332 20.95 -20.51 4.73
CA THR A 332 19.75 -21.25 4.37
C THR A 332 19.57 -22.40 5.34
N GLN A 333 18.43 -22.41 6.02
CA GLN A 333 18.07 -23.49 6.94
C GLN A 333 16.71 -24.04 6.53
N GLU A 334 16.23 -25.06 7.23
CA GLU A 334 14.93 -25.67 6.93
C GLU A 334 13.76 -24.70 7.22
N ASP A 335 13.90 -23.93 8.28
CA ASP A 335 12.84 -23.06 8.78
C ASP A 335 13.02 -21.59 8.41
N LYS A 336 14.24 -21.21 8.03
CA LYS A 336 14.55 -19.80 7.84
C LYS A 336 15.61 -19.50 6.77
N TYR A 337 15.55 -18.30 6.22
CA TYR A 337 16.54 -17.83 5.26
C TYR A 337 17.01 -16.48 5.76
N ILE A 338 18.32 -16.29 5.73
CA ILE A 338 18.93 -15.02 6.15
C ILE A 338 19.86 -14.54 5.06
N VAL A 339 19.75 -13.26 4.71
CA VAL A 339 20.74 -12.61 3.88
C VAL A 339 21.09 -11.25 4.50
N CYS A 340 22.40 -10.99 4.57
CA CYS A 340 22.88 -9.80 5.23
C CYS A 340 23.96 -9.17 4.32
N MET A 341 23.74 -7.91 3.97
CA MET A 341 24.63 -7.21 3.02
C MET A 341 25.36 -6.06 3.69
N LEU A 342 26.68 -6.04 3.56
CA LEU A 342 27.51 -5.07 4.25
C LEU A 342 28.00 -3.97 3.33
N LYS A 343 28.09 -2.77 3.90
CA LYS A 343 28.80 -1.66 3.27
C LYS A 343 29.88 -1.25 4.25
N GLU A 344 31.08 -1.76 4.02
CA GLU A 344 32.23 -1.59 4.92
C GLU A 344 32.02 -2.39 6.20
N ASN A 345 31.87 -1.69 7.32
CA ASN A 345 31.63 -2.35 8.61
CA ASN A 345 31.65 -2.29 8.64
C ASN A 345 30.21 -2.09 9.12
N LYS A 346 29.32 -1.76 8.19
CA LYS A 346 27.92 -1.49 8.50
C LYS A 346 27.03 -2.44 7.73
N ILE A 347 25.89 -2.81 8.32
CA ILE A 347 24.89 -3.57 7.59
C ILE A 347 24.04 -2.55 6.81
N ASP A 348 24.07 -2.68 5.48
CA ASP A 348 23.36 -1.77 4.58
C ASP A 348 21.99 -2.31 4.21
N ALA A 349 21.87 -3.63 4.11
CA ALA A 349 20.62 -4.27 3.74
C ALA A 349 20.57 -5.69 4.24
N ALA A 350 19.35 -6.14 4.56
CA ALA A 350 19.14 -7.48 5.06
C ALA A 350 17.70 -7.92 4.83
N ALA A 351 17.52 -9.22 4.64
CA ALA A 351 16.19 -9.80 4.65
C ALA A 351 16.22 -11.14 5.38
N VAL A 352 15.13 -11.45 6.07
CA VAL A 352 15.02 -12.72 6.77
C VAL A 352 13.62 -13.26 6.50
N ILE A 353 13.59 -14.52 6.11
CA ILE A 353 12.35 -15.27 5.93
C ILE A 353 12.27 -16.24 7.10
N GLY A 354 11.17 -16.20 7.84
CA GLY A 354 10.91 -17.19 8.89
C GLY A 354 11.52 -16.93 10.26
N ASP A 355 12.01 -15.71 10.50
CA ASP A 355 12.50 -15.32 11.84
C ASP A 355 12.38 -13.82 12.03
N VAL A 356 11.17 -13.38 12.38
CA VAL A 356 10.90 -11.95 12.54
C VAL A 356 11.75 -11.33 13.64
N SER A 357 11.99 -12.09 14.71
CA SER A 357 12.86 -11.63 15.81
C SER A 357 14.24 -11.24 15.32
N LEU A 358 14.83 -12.08 14.45
CA LEU A 358 16.14 -11.78 13.89
C LEU A 358 16.07 -10.64 12.87
N GLY A 359 15.10 -10.68 11.97
CA GLY A 359 14.91 -9.60 11.01
C GLY A 359 14.83 -8.24 11.72
N THR A 360 14.10 -8.21 12.83
CA THR A 360 13.96 -6.98 13.63
C THR A 360 15.30 -6.49 14.20
N LYS A 361 16.13 -7.42 14.66
CA LYS A 361 17.46 -7.08 15.17
C LYS A 361 18.31 -6.49 14.06
N LEU A 362 18.30 -7.14 12.90
CA LEU A 362 19.03 -6.65 11.72
C LEU A 362 18.51 -5.29 11.27
N LYS A 363 17.19 -5.13 11.28
CA LYS A 363 16.51 -3.86 10.99
C LYS A 363 17.05 -2.74 11.88
N LYS A 364 17.07 -2.99 13.20
CA LYS A 364 17.54 -2.02 14.18
C LYS A 364 19.00 -1.65 13.92
N ALA A 365 19.84 -2.67 13.72
CA ALA A 365 21.25 -2.48 13.36
C ALA A 365 21.44 -1.60 12.13
N ILE A 366 20.70 -1.90 11.05
CA ILE A 366 20.70 -1.09 9.83
C ILE A 366 20.25 0.35 10.14
N ASP A 367 19.06 0.47 10.74
CA ASP A 367 18.44 1.77 11.02
C ASP A 367 19.30 2.64 11.93
N SER A 368 19.85 2.05 12.99
CA SER A 368 20.72 2.78 13.93
C SER A 368 22.15 2.91 13.40
N SER A 369 22.42 2.30 12.25
CA SER A 369 23.71 2.37 11.56
C SER A 369 24.85 1.89 12.45
N LYS A 370 24.66 0.72 13.03
CA LYS A 370 25.62 0.10 13.92
C LYS A 370 26.86 -0.36 13.16
N SER A 371 28.03 0.04 13.67
CA SER A 371 29.29 -0.40 13.10
C SER A 371 29.75 -1.70 13.78
N PHE A 372 30.33 -2.59 12.98
CA PHE A 372 30.76 -3.90 13.45
C PHE A 372 32.25 -4.01 13.26
N ASP A 373 32.99 -4.01 14.37
CA ASP A 373 34.45 -4.11 14.33
C ASP A 373 34.96 -5.51 13.96
N ASN A 374 34.06 -6.48 13.97
CA ASN A 374 34.39 -7.82 13.52
C ASN A 374 33.43 -8.28 12.43
N ILE A 375 33.93 -8.40 11.21
CA ILE A 375 33.10 -8.83 10.09
C ILE A 375 33.62 -10.12 9.45
N SER A 376 34.40 -10.89 10.21
CA SER A 376 35.06 -12.12 9.73
C SER A 376 34.08 -13.27 9.50
N SER A 377 32.90 -13.19 10.11
CA SER A 377 31.91 -14.25 10.00
C SER A 377 30.49 -13.73 10.25
N LEU A 378 29.49 -14.49 9.79
CA LEU A 378 28.10 -14.19 10.09
C LEU A 378 27.88 -14.28 11.61
N ASP A 379 28.36 -15.36 12.20
CA ASP A 379 28.34 -15.54 13.66
C ASP A 379 28.76 -14.29 14.42
N ALA A 380 29.90 -13.69 14.04
CA ALA A 380 30.37 -12.50 14.76
C ALA A 380 29.39 -11.32 14.65
N ILE A 381 28.71 -11.22 13.52
CA ILE A 381 27.71 -10.17 13.35
C ILE A 381 26.48 -10.46 14.23
N LEU A 382 25.96 -11.68 14.15
CA LEU A 382 24.84 -12.10 14.99
C LEU A 382 25.07 -11.83 16.48
N ASN A 383 26.30 -12.05 16.96
CA ASN A 383 26.61 -11.89 18.38
C ASN A 383 26.67 -10.44 18.82
N ASN A 384 26.68 -9.52 17.84
CA ASN A 384 26.80 -8.08 18.13
C ASN A 384 25.52 -7.30 17.81
N LEU A 385 24.46 -8.03 17.55
CA LEU A 385 23.14 -7.45 17.31
C LEU A 385 22.49 -7.07 18.63
#